data_5H39
#
_entry.id   5H39
#
_cell.length_a   63.813
_cell.length_b   78.841
_cell.length_c   67.642
_cell.angle_alpha   90.000
_cell.angle_beta   116.030
_cell.angle_gamma   90.000
#
_symmetry.space_group_name_H-M   'P 1 21 1'
#
loop_
_entity.id
_entity.type
_entity.pdbx_description
1 polymer ORF70
2 non-polymer "2'-DEOXYURIDINE 5'-MONOPHOSPHATE"
3 water water
#
_entity_poly.entity_id   1
_entity_poly.type   'polypeptide(L)'
_entity_poly.pdbx_seq_one_letter_code
;PHEELQYLRQLREILCRGSDRLDRTGIGTLSLFGMQARYSLRDHFPLLTTKRVFWRGVVQELLWFLKGSTDSRELSRTGV
KIWDKNGSREFLAGRGLAHRREGDLGPVYGFQWRHFGAAYVDADADYTGQGFDQLSYIVDLIKNNPHDRRIIMCAWNPAD
LSLMALPPCHLLCQFYVADGELSCQLYQRSGDMGLGVPFNIASYSLLTYMLAHVTGLRPGEFIHTLGDAHIYKTHIEPLR
LQLTRTPRPFPRLEILRSVSSMEEFTPDDFRLVDYCPHPTIRMEM
;
_entity_poly.pdbx_strand_id   A,B
#
# COMPACT_ATOMS: atom_id res chain seq x y z
N PRO A 1 23.77 13.39 -4.60
CA PRO A 1 24.06 12.09 -5.19
C PRO A 1 23.03 11.73 -6.26
N HIS A 2 23.46 10.99 -7.28
CA HIS A 2 22.55 10.52 -8.31
C HIS A 2 21.47 9.60 -7.69
N GLU A 3 20.20 9.89 -7.99
CA GLU A 3 19.09 9.11 -7.40
C GLU A 3 19.10 7.61 -7.75
N GLU A 4 19.71 7.26 -8.89
CA GLU A 4 19.80 5.85 -9.28
C GLU A 4 20.60 5.04 -8.25
N LEU A 5 21.44 5.74 -7.48
CA LEU A 5 22.24 5.07 -6.46
C LEU A 5 21.39 4.42 -5.37
N GLN A 6 20.17 4.92 -5.15
CA GLN A 6 19.29 4.28 -4.17
C GLN A 6 19.01 2.85 -4.60
N TYR A 7 18.60 2.69 -5.85
CA TYR A 7 18.31 1.39 -6.41
C TYR A 7 19.54 0.48 -6.37
N LEU A 8 20.71 1.03 -6.72
CA LEU A 8 21.93 0.24 -6.72
C LEU A 8 22.33 -0.15 -5.28
N ARG A 9 22.14 0.76 -4.33
CA ARG A 9 22.36 0.43 -2.91
C ARG A 9 21.41 -0.66 -2.41
N GLN A 10 20.16 -0.62 -2.89
CA GLN A 10 19.17 -1.63 -2.51
C GLN A 10 19.58 -3.00 -3.07
N LEU A 11 20.10 -3.01 -4.30
CA LEU A 11 20.67 -4.23 -4.89
C LEU A 11 21.78 -4.81 -4.00
N ARG A 12 22.72 -3.96 -3.61
CA ARG A 12 23.82 -4.38 -2.77
C ARG A 12 23.34 -4.89 -1.41
N GLU A 13 22.34 -4.20 -0.85
CA GLU A 13 21.84 -4.59 0.47
C GLU A 13 21.21 -5.96 0.41
N ILE A 14 20.43 -6.22 -0.65
CA ILE A 14 19.81 -7.51 -0.81
C ILE A 14 20.88 -8.60 -1.03
N LEU A 15 21.87 -8.34 -1.87
CA LEU A 15 22.92 -9.32 -2.12
C LEU A 15 23.65 -9.64 -0.82
N CYS A 16 23.93 -8.60 -0.05
CA CYS A 16 24.74 -8.77 1.13
C CYS A 16 24.00 -9.32 2.36
N ARG A 17 22.76 -8.90 2.61
CA ARG A 17 22.10 -9.41 3.81
C ARG A 17 20.69 -9.96 3.59
N GLY A 18 20.32 -10.11 2.33
CA GLY A 18 19.05 -10.71 1.98
C GLY A 18 18.90 -12.12 2.52
N SER A 19 17.66 -12.51 2.77
CA SER A 19 17.33 -13.85 3.22
C SER A 19 17.25 -14.80 2.02
N ASP A 20 17.89 -15.96 2.17
CA ASP A 20 17.94 -16.97 1.13
C ASP A 20 16.75 -17.90 1.31
N ARG A 21 15.76 -17.79 0.43
CA ARG A 21 14.50 -18.53 0.57
C ARG A 21 14.01 -19.13 -0.75
N LEU A 22 13.45 -20.33 -0.68
CA LEU A 22 12.88 -20.96 -1.86
C LEU A 22 11.53 -20.34 -2.18
N ASP A 23 11.39 -19.77 -3.36
CA ASP A 23 10.17 -19.06 -3.73
C ASP A 23 9.31 -19.88 -4.68
N ARG A 24 8.18 -19.28 -5.06
CA ARG A 24 7.20 -19.88 -5.97
C ARG A 24 7.82 -20.44 -7.25
N THR A 25 8.73 -19.69 -7.85
CA THR A 25 9.34 -20.06 -9.12
C THR A 25 10.29 -21.24 -8.95
N GLY A 26 10.75 -21.45 -7.72
CA GLY A 26 11.67 -22.53 -7.42
C GLY A 26 13.08 -22.23 -7.87
N ILE A 27 13.30 -21.04 -8.42
CA ILE A 27 14.65 -20.60 -8.79
C ILE A 27 15.42 -20.25 -7.52
N GLY A 28 14.71 -19.72 -6.54
CA GLY A 28 15.29 -19.25 -5.30
C GLY A 28 15.51 -17.76 -5.39
N THR A 29 15.31 -17.04 -4.30
CA THR A 29 15.65 -15.62 -4.27
C THR A 29 16.45 -15.21 -3.05
N LEU A 30 17.12 -14.07 -3.16
CA LEU A 30 17.59 -13.33 -1.99
C LEU A 30 16.60 -12.18 -1.79
N SER A 31 16.13 -11.94 -0.58
CA SER A 31 15.12 -10.89 -0.43
C SER A 31 15.26 -10.12 0.87
N LEU A 32 14.81 -8.88 0.82
CA LEU A 32 14.58 -8.08 2.01
C LEU A 32 13.13 -7.61 1.97
N PHE A 33 12.58 -7.23 3.12
CA PHE A 33 11.18 -6.80 3.22
C PHE A 33 11.07 -5.36 3.72
N GLY A 34 10.41 -4.51 2.96
CA GLY A 34 10.26 -3.12 3.35
C GLY A 34 11.41 -2.24 2.90
N MET A 35 11.20 -1.52 1.81
CA MET A 35 12.20 -0.59 1.26
C MET A 35 11.47 0.64 0.75
N GLN A 36 12.18 1.75 0.64
CA GLN A 36 11.58 2.95 0.09
C GLN A 36 12.66 3.78 -0.59
N ALA A 37 12.34 4.29 -1.79
CA ALA A 37 13.24 5.17 -2.53
C ALA A 37 12.44 6.35 -3.05
N ARG A 38 13.14 7.44 -3.35
CA ARG A 38 12.51 8.70 -3.69
C ARG A 38 13.09 9.26 -4.99
N TYR A 39 12.25 9.48 -6.01
CA TYR A 39 12.77 9.95 -7.30
C TYR A 39 12.15 11.29 -7.68
N SER A 40 13.00 12.28 -7.96
CA SER A 40 12.52 13.59 -8.38
C SER A 40 11.98 13.50 -9.81
N LEU A 41 10.92 14.26 -10.09
CA LEU A 41 10.34 14.29 -11.44
C LEU A 41 10.39 15.70 -12.03
N ARG A 42 10.86 16.65 -11.24
CA ARG A 42 10.75 18.07 -11.59
C ARG A 42 11.61 18.47 -12.78
N ASP A 43 12.87 18.06 -12.75
CA ASP A 43 13.83 18.49 -13.76
C ASP A 43 14.34 17.35 -14.60
N HIS A 44 13.96 16.12 -14.27
CA HIS A 44 14.34 14.98 -15.09
C HIS A 44 13.33 13.83 -14.92
N PHE A 45 13.51 12.77 -15.72
CA PHE A 45 12.67 11.60 -15.65
C PHE A 45 13.50 10.40 -15.26
N PRO A 46 13.08 9.67 -14.21
CA PRO A 46 13.94 8.63 -13.62
C PRO A 46 13.93 7.31 -14.39
N LEU A 47 14.38 7.34 -15.64
CA LEU A 47 14.55 6.12 -16.42
C LEU A 47 15.96 5.64 -16.19
N LEU A 48 16.11 4.50 -15.51
CA LEU A 48 17.41 4.05 -15.03
C LEU A 48 18.46 3.90 -16.15
N THR A 49 19.72 4.18 -15.81
CA THR A 49 20.76 4.26 -16.83
C THR A 49 21.86 3.18 -16.75
N THR A 50 21.89 2.38 -15.68
CA THR A 50 22.97 1.38 -15.58
C THR A 50 22.62 0.13 -16.38
N LYS A 51 21.42 0.12 -16.94
CA LYS A 51 21.09 -0.73 -18.08
C LYS A 51 20.00 -0.01 -18.87
N ARG A 52 19.82 -0.39 -20.13
CA ARG A 52 18.75 0.16 -20.95
C ARG A 52 17.41 -0.43 -20.51
N VAL A 53 16.47 0.44 -20.15
CA VAL A 53 15.12 0.02 -19.75
C VAL A 53 14.20 0.01 -20.98
N PHE A 54 13.30 -0.96 -21.04
CA PHE A 54 12.40 -1.13 -22.18
C PHE A 54 11.28 -0.06 -22.22
N TRP A 55 11.67 1.17 -22.55
CA TRP A 55 10.77 2.34 -22.54
C TRP A 55 9.52 2.15 -23.42
N ARG A 56 9.70 1.59 -24.61
CA ARG A 56 8.59 1.34 -25.52
C ARG A 56 7.52 0.46 -24.85
N GLY A 57 7.97 -0.55 -24.13
CA GLY A 57 7.08 -1.37 -23.33
C GLY A 57 6.38 -0.58 -22.22
N VAL A 58 7.14 0.26 -21.51
CA VAL A 58 6.57 1.06 -20.41
C VAL A 58 5.39 1.90 -20.91
N VAL A 59 5.61 2.63 -22.00
CA VAL A 59 4.58 3.50 -22.58
C VAL A 59 3.35 2.73 -23.06
N GLN A 60 3.53 1.74 -23.94
CA GLN A 60 2.38 1.01 -24.47
C GLN A 60 1.57 0.31 -23.36
N GLU A 61 2.26 -0.29 -22.41
CA GLU A 61 1.54 -1.02 -21.35
C GLU A 61 0.67 -0.07 -20.52
N LEU A 62 1.20 1.09 -20.16
CA LEU A 62 0.42 2.01 -19.32
C LEU A 62 -0.81 2.54 -20.04
N LEU A 63 -0.67 2.92 -21.31
CA LEU A 63 -1.81 3.41 -22.08
C LEU A 63 -2.88 2.31 -22.20
N TRP A 64 -2.41 1.09 -22.31
CA TRP A 64 -3.26 -0.09 -22.39
C TRP A 64 -4.03 -0.27 -21.08
N PHE A 65 -3.34 -0.20 -19.94
CA PHE A 65 -4.02 -0.14 -18.62
C PHE A 65 -5.06 0.97 -18.56
N LEU A 66 -4.64 2.17 -18.92
CA LEU A 66 -5.46 3.35 -18.69
C LEU A 66 -6.80 3.29 -19.39
N LYS A 67 -6.84 2.65 -20.57
CA LYS A 67 -8.10 2.54 -21.31
C LYS A 67 -8.98 1.40 -20.81
N GLY A 68 -8.52 0.67 -19.79
CA GLY A 68 -9.32 -0.36 -19.16
C GLY A 68 -9.23 -1.76 -19.78
N SER A 69 -8.30 -1.95 -20.70
CA SER A 69 -8.21 -3.21 -21.41
C SER A 69 -7.72 -4.35 -20.50
N THR A 70 -8.25 -5.54 -20.73
CA THR A 70 -7.74 -6.73 -20.08
C THR A 70 -7.41 -7.77 -21.13
N ASP A 71 -7.21 -7.27 -22.34
CA ASP A 71 -6.96 -8.12 -23.51
C ASP A 71 -5.49 -8.05 -23.90
N SER A 72 -4.73 -9.14 -23.70
CA SER A 72 -3.30 -9.09 -24.02
C SER A 72 -3.06 -8.97 -25.52
N ARG A 73 -4.01 -9.43 -26.32
CA ARG A 73 -3.87 -9.30 -27.78
C ARG A 73 -3.84 -7.83 -28.20
N GLU A 74 -4.57 -7.01 -27.45
CA GLU A 74 -4.64 -5.58 -27.72
C GLU A 74 -3.28 -4.90 -27.49
N LEU A 75 -2.55 -5.34 -26.47
CA LEU A 75 -1.21 -4.83 -26.24
C LEU A 75 -0.25 -5.42 -27.27
N SER A 76 -0.42 -6.71 -27.54
CA SER A 76 0.46 -7.42 -28.48
C SER A 76 0.42 -6.79 -29.88
N ARG A 77 -0.72 -6.24 -30.26
CA ARG A 77 -0.87 -5.65 -31.59
C ARG A 77 0.11 -4.48 -31.80
N THR A 78 0.43 -3.78 -30.72
CA THR A 78 1.34 -2.63 -30.80
C THR A 78 2.82 -3.07 -30.83
N GLY A 79 3.07 -4.37 -30.77
CA GLY A 79 4.43 -4.89 -30.80
C GLY A 79 5.04 -5.17 -29.43
N VAL A 80 4.28 -4.90 -28.38
CA VAL A 80 4.77 -5.15 -27.02
C VAL A 80 4.22 -6.50 -26.55
N LYS A 81 5.12 -7.45 -26.34
CA LYS A 81 4.73 -8.83 -26.11
C LYS A 81 4.72 -9.28 -24.65
N ILE A 82 4.92 -8.36 -23.71
CA ILE A 82 5.25 -8.79 -22.37
C ILE A 82 4.12 -9.54 -21.66
N TRP A 83 2.86 -9.35 -22.07
CA TRP A 83 1.75 -10.07 -21.44
C TRP A 83 1.27 -11.32 -22.22
N ASP A 84 1.94 -11.62 -23.34
CA ASP A 84 1.45 -12.68 -24.22
C ASP A 84 1.57 -14.07 -23.61
N LYS A 85 2.64 -14.33 -22.86
CA LYS A 85 2.81 -15.63 -22.18
C LYS A 85 1.65 -15.88 -21.22
N ASN A 86 1.16 -14.83 -20.57
CA ASN A 86 0.06 -14.95 -19.61
C ASN A 86 -1.31 -14.96 -20.26
N GLY A 87 -1.39 -14.48 -21.50
CA GLY A 87 -2.66 -14.43 -22.21
C GLY A 87 -2.91 -15.63 -23.09
N SER A 88 -1.96 -16.56 -23.14
CA SER A 88 -2.11 -17.74 -24.01
C SER A 88 -3.19 -18.66 -23.45
N ARG A 89 -3.94 -19.33 -24.32
CA ARG A 89 -4.98 -20.24 -23.86
C ARG A 89 -4.37 -21.35 -23.00
N GLU A 90 -3.12 -21.69 -23.27
CA GLU A 90 -2.42 -22.69 -22.47
C GLU A 90 -2.17 -22.23 -21.03
N PHE A 91 -1.71 -20.98 -20.88
CA PHE A 91 -1.40 -20.46 -19.56
C PHE A 91 -2.70 -20.32 -18.77
N LEU A 92 -3.72 -19.80 -19.43
CA LEU A 92 -5.01 -19.59 -18.79
C LEU A 92 -5.62 -20.92 -18.36
N ALA A 93 -5.55 -21.93 -19.24
CA ALA A 93 -5.98 -23.28 -18.87
C ALA A 93 -5.26 -23.75 -17.61
N GLY A 94 -3.95 -23.52 -17.55
CA GLY A 94 -3.16 -23.87 -16.39
C GLY A 94 -3.63 -23.21 -15.10
N ARG A 95 -4.24 -22.04 -15.24
CA ARG A 95 -4.77 -21.30 -14.10
C ARG A 95 -6.16 -21.78 -13.72
N GLY A 96 -6.71 -22.74 -14.45
CA GLY A 96 -8.08 -23.17 -14.22
C GLY A 96 -9.06 -22.23 -14.90
N LEU A 97 -8.61 -21.58 -15.96
CA LEU A 97 -9.46 -20.65 -16.68
C LEU A 97 -9.44 -21.03 -18.15
N ALA A 98 -9.63 -22.32 -18.43
CA ALA A 98 -9.54 -22.86 -19.79
C ALA A 98 -10.61 -22.32 -20.75
N HIS A 99 -11.69 -21.77 -20.21
CA HIS A 99 -12.81 -21.30 -21.03
C HIS A 99 -12.50 -20.00 -21.77
N ARG A 100 -11.40 -19.36 -21.40
CA ARG A 100 -11.06 -18.05 -21.94
C ARG A 100 -10.55 -18.11 -23.39
N ARG A 101 -10.91 -17.11 -24.20
CA ARG A 101 -10.27 -16.95 -25.49
C ARG A 101 -8.83 -16.48 -25.28
N GLU A 102 -7.98 -16.69 -26.28
CA GLU A 102 -6.61 -16.18 -26.24
C GLU A 102 -6.63 -14.68 -25.97
N GLY A 103 -5.86 -14.23 -24.98
CA GLY A 103 -5.80 -12.82 -24.65
C GLY A 103 -6.62 -12.35 -23.45
N ASP A 104 -7.58 -13.15 -23.01
CA ASP A 104 -8.44 -12.70 -21.92
C ASP A 104 -7.80 -12.94 -20.54
N LEU A 105 -7.12 -11.91 -20.04
CA LEU A 105 -6.37 -11.96 -18.78
C LEU A 105 -7.23 -12.00 -17.53
N GLY A 106 -8.51 -11.70 -17.66
CA GLY A 106 -9.35 -11.59 -16.49
C GLY A 106 -9.27 -10.16 -15.97
N PRO A 107 -9.86 -9.91 -14.79
CA PRO A 107 -10.01 -8.55 -14.23
C PRO A 107 -8.70 -8.01 -13.64
N VAL A 108 -7.68 -7.87 -14.48
CA VAL A 108 -6.40 -7.34 -14.06
C VAL A 108 -6.43 -5.80 -14.07
N TYR A 109 -5.26 -5.14 -14.08
CA TYR A 109 -5.14 -3.69 -13.82
C TYR A 109 -6.19 -2.82 -14.49
N GLY A 110 -6.31 -2.95 -15.81
CA GLY A 110 -7.24 -2.14 -16.57
C GLY A 110 -8.65 -2.17 -16.02
N PHE A 111 -9.11 -3.36 -15.66
CA PHE A 111 -10.47 -3.55 -15.16
C PHE A 111 -10.61 -3.00 -13.74
N GLN A 112 -9.62 -3.28 -12.89
CA GLN A 112 -9.66 -2.76 -11.52
C GLN A 112 -9.63 -1.23 -11.51
N TRP A 113 -8.79 -0.64 -12.37
CA TRP A 113 -8.64 0.81 -12.43
C TRP A 113 -9.91 1.51 -12.89
N ARG A 114 -10.61 0.92 -13.85
CA ARG A 114 -11.76 1.62 -14.44
C ARG A 114 -13.10 1.08 -13.94
N HIS A 115 -13.12 -0.13 -13.35
CA HIS A 115 -14.40 -0.76 -12.97
C HIS A 115 -14.34 -1.55 -11.66
N PHE A 116 -13.67 -1.00 -10.64
CA PHE A 116 -13.45 -1.74 -9.40
C PHE A 116 -14.76 -2.25 -8.83
N GLY A 117 -14.82 -3.55 -8.54
CA GLY A 117 -15.98 -4.11 -7.86
C GLY A 117 -17.06 -4.63 -8.79
N ALA A 118 -16.90 -4.38 -10.08
CA ALA A 118 -17.85 -4.90 -11.06
C ALA A 118 -17.65 -6.40 -11.26
N ALA A 119 -18.70 -7.05 -11.75
CA ALA A 119 -18.62 -8.48 -12.07
C ALA A 119 -17.94 -8.68 -13.42
N TYR A 120 -16.81 -9.39 -13.44
CA TYR A 120 -16.11 -9.65 -14.71
C TYR A 120 -16.87 -10.68 -15.54
N VAL A 121 -17.02 -10.42 -16.83
CA VAL A 121 -17.59 -11.40 -17.74
C VAL A 121 -16.47 -11.98 -18.61
N ASP A 122 -16.08 -11.23 -19.63
CA ASP A 122 -14.89 -11.54 -20.40
C ASP A 122 -14.23 -10.25 -20.89
N ALA A 123 -13.15 -10.38 -21.66
CA ALA A 123 -12.38 -9.23 -22.13
C ALA A 123 -13.11 -8.43 -23.21
N ASP A 124 -14.14 -9.02 -23.81
CA ASP A 124 -14.88 -8.34 -24.86
C ASP A 124 -16.14 -7.64 -24.34
N ALA A 125 -16.49 -7.87 -23.08
CA ALA A 125 -17.71 -7.29 -22.52
C ALA A 125 -17.66 -5.77 -22.41
N ASP A 126 -18.83 -5.15 -22.48
CA ASP A 126 -18.94 -3.71 -22.27
C ASP A 126 -19.25 -3.45 -20.80
N TYR A 127 -18.34 -2.78 -20.11
CA TYR A 127 -18.50 -2.52 -18.69
C TYR A 127 -18.83 -1.05 -18.40
N THR A 128 -19.24 -0.30 -19.43
CA THR A 128 -19.63 1.10 -19.27
C THR A 128 -20.56 1.32 -18.09
N GLY A 129 -20.17 2.21 -17.18
CA GLY A 129 -21.00 2.57 -16.04
C GLY A 129 -21.00 1.57 -14.90
N GLN A 130 -20.32 0.44 -15.09
CA GLN A 130 -20.24 -0.60 -14.07
C GLN A 130 -18.99 -0.48 -13.19
N GLY A 131 -19.19 -0.62 -11.88
CA GLY A 131 -18.09 -0.59 -10.95
C GLY A 131 -17.60 0.83 -10.70
N PHE A 132 -16.55 0.94 -9.88
CA PHE A 132 -16.03 2.24 -9.45
C PHE A 132 -14.85 2.63 -10.33
N ASP A 133 -15.00 3.74 -11.06
CA ASP A 133 -13.94 4.22 -11.96
C ASP A 133 -12.91 5.03 -11.16
N GLN A 134 -11.83 4.38 -10.78
CA GLN A 134 -10.84 5.01 -9.94
C GLN A 134 -10.04 6.09 -10.67
N LEU A 135 -9.87 5.93 -11.98
CA LEU A 135 -9.15 6.95 -12.76
C LEU A 135 -9.91 8.27 -12.80
N SER A 136 -11.21 8.23 -13.10
CA SER A 136 -12.04 9.45 -13.01
C SER A 136 -11.97 10.06 -11.61
N TYR A 137 -12.02 9.17 -10.63
CA TYR A 137 -12.00 9.55 -9.22
C TYR A 137 -10.77 10.38 -8.85
N ILE A 138 -9.57 9.87 -9.18
CA ILE A 138 -8.35 10.58 -8.79
C ILE A 138 -8.18 11.88 -9.61
N VAL A 139 -8.51 11.87 -10.90
CA VAL A 139 -8.38 13.10 -11.70
C VAL A 139 -9.30 14.20 -11.14
N ASP A 140 -10.54 13.83 -10.79
CA ASP A 140 -11.47 14.80 -10.22
C ASP A 140 -10.97 15.37 -8.90
N LEU A 141 -10.38 14.52 -8.06
CA LEU A 141 -9.85 14.99 -6.77
C LEU A 141 -8.65 15.89 -6.97
N ILE A 142 -7.73 15.50 -7.86
CA ILE A 142 -6.53 16.29 -8.08
C ILE A 142 -6.93 17.70 -8.59
N LYS A 143 -7.92 17.75 -9.49
CA LYS A 143 -8.42 19.02 -10.03
C LYS A 143 -9.19 19.85 -9.01
N ASN A 144 -10.11 19.25 -8.28
CA ASN A 144 -11.08 20.00 -7.49
C ASN A 144 -10.87 19.93 -5.98
N ASN A 145 -10.16 18.92 -5.51
CA ASN A 145 -9.89 18.83 -4.09
C ASN A 145 -8.48 18.34 -3.84
N PRO A 146 -7.47 19.09 -4.32
CA PRO A 146 -6.12 18.57 -4.40
C PRO A 146 -5.49 18.20 -3.07
N HIS A 147 -5.97 18.75 -1.96
CA HIS A 147 -5.35 18.42 -0.67
C HIS A 147 -6.01 17.21 0.00
N ASP A 148 -6.93 16.56 -0.71
CA ASP A 148 -7.61 15.39 -0.15
C ASP A 148 -6.61 14.28 0.13
N ARG A 149 -6.83 13.50 1.20
CA ARG A 149 -5.89 12.45 1.60
C ARG A 149 -6.36 11.05 1.17
N ARG A 150 -7.33 11.00 0.26
CA ARG A 150 -7.84 9.75 -0.30
C ARG A 150 -7.70 9.64 -1.82
N ILE A 151 -6.68 10.28 -2.38
CA ILE A 151 -6.46 10.18 -3.83
C ILE A 151 -5.69 8.89 -4.14
N ILE A 152 -6.43 7.81 -4.26
CA ILE A 152 -5.90 6.47 -4.30
C ILE A 152 -6.44 5.75 -5.52
N MET A 153 -5.60 4.95 -6.15
CA MET A 153 -6.03 3.99 -7.15
C MET A 153 -5.45 2.63 -6.74
N CYS A 154 -6.33 1.63 -6.55
CA CYS A 154 -5.90 0.34 -6.02
C CYS A 154 -6.27 -0.81 -6.98
N ALA A 155 -5.33 -1.73 -7.19
CA ALA A 155 -5.58 -2.85 -8.11
C ALA A 155 -5.79 -4.16 -7.36
N TRP A 156 -5.63 -4.14 -6.03
CA TRP A 156 -5.76 -5.38 -5.27
C TRP A 156 -7.21 -5.63 -4.88
N ASN A 157 -7.81 -6.63 -5.51
CA ASN A 157 -9.16 -7.07 -5.21
C ASN A 157 -9.13 -8.58 -4.95
N PRO A 158 -9.05 -8.98 -3.67
CA PRO A 158 -8.83 -10.40 -3.39
C PRO A 158 -10.00 -11.27 -3.89
N ALA A 159 -11.19 -10.70 -3.96
CA ALA A 159 -12.36 -11.40 -4.49
C ALA A 159 -12.21 -11.72 -5.99
N ASP A 160 -11.28 -11.05 -6.68
CA ASP A 160 -11.08 -11.25 -8.12
C ASP A 160 -9.83 -12.08 -8.46
N LEU A 161 -9.08 -12.51 -7.45
CA LEU A 161 -7.79 -13.17 -7.70
C LEU A 161 -7.90 -14.45 -8.54
N SER A 162 -8.91 -15.28 -8.25
CA SER A 162 -9.06 -16.56 -8.96
C SER A 162 -9.44 -16.37 -10.43
N LEU A 163 -9.85 -15.16 -10.80
CA LEU A 163 -10.21 -14.88 -12.20
C LEU A 163 -9.08 -14.26 -13.00
N MET A 164 -7.99 -13.92 -12.30
CA MET A 164 -6.87 -13.21 -12.94
C MET A 164 -5.82 -14.16 -13.46
N ALA A 165 -5.27 -13.83 -14.63
CA ALA A 165 -4.14 -14.55 -15.16
C ALA A 165 -3.00 -14.57 -14.13
N LEU A 166 -2.78 -13.43 -13.48
CA LEU A 166 -1.73 -13.24 -12.47
C LEU A 166 -2.19 -12.21 -11.46
N PRO A 167 -1.83 -12.39 -10.19
CA PRO A 167 -2.23 -11.37 -9.21
C PRO A 167 -1.37 -10.10 -9.32
N PRO A 168 -1.96 -8.91 -9.18
CA PRO A 168 -1.14 -7.69 -9.39
C PRO A 168 0.00 -7.55 -8.38
N CYS A 169 1.12 -6.95 -8.79
CA CYS A 169 2.24 -6.66 -7.89
C CYS A 169 2.17 -5.22 -7.41
N HIS A 170 1.63 -4.34 -8.26
CA HIS A 170 1.48 -2.93 -7.89
C HIS A 170 0.13 -2.73 -7.27
N LEU A 171 0.11 -2.65 -5.94
CA LEU A 171 -1.15 -2.82 -5.22
C LEU A 171 -1.96 -1.53 -5.23
N LEU A 172 -1.29 -0.41 -5.03
CA LEU A 172 -1.99 0.86 -5.14
C LEU A 172 -1.07 2.04 -5.33
N CYS A 173 -1.63 3.11 -5.82
CA CYS A 173 -0.86 4.34 -5.87
C CYS A 173 -1.66 5.40 -5.14
N GLN A 174 -0.93 6.29 -4.47
CA GLN A 174 -1.55 7.42 -3.82
C GLN A 174 -0.93 8.68 -4.37
N PHE A 175 -1.73 9.74 -4.51
CA PHE A 175 -1.24 10.99 -5.07
C PHE A 175 -1.38 12.10 -4.06
N TYR A 176 -0.57 13.14 -4.25
CA TYR A 176 -0.41 14.18 -3.25
C TYR A 176 -0.07 15.48 -3.97
N VAL A 177 -0.77 16.54 -3.62
CA VAL A 177 -0.58 17.84 -4.26
C VAL A 177 -0.12 18.88 -3.25
N ALA A 178 0.99 19.54 -3.55
CA ALA A 178 1.47 20.65 -2.71
C ALA A 178 2.33 21.60 -3.54
N ASP A 179 2.09 22.89 -3.37
CA ASP A 179 2.89 23.92 -4.05
C ASP A 179 2.89 23.72 -5.57
N GLY A 180 1.73 23.42 -6.14
CA GLY A 180 1.61 23.22 -7.57
C GLY A 180 2.30 21.99 -8.14
N GLU A 181 2.78 21.09 -7.28
CA GLU A 181 3.42 19.85 -7.75
C GLU A 181 2.60 18.60 -7.39
N LEU A 182 2.56 17.63 -8.31
CA LEU A 182 1.90 16.35 -8.09
C LEU A 182 2.91 15.25 -7.79
N SER A 183 2.73 14.58 -6.65
CA SER A 183 3.59 13.47 -6.25
C SER A 183 2.81 12.16 -6.22
N CYS A 184 3.54 11.05 -6.25
CA CYS A 184 2.92 9.74 -6.32
C CYS A 184 3.72 8.75 -5.48
N GLN A 185 3.03 7.98 -4.66
CA GLN A 185 3.68 6.86 -3.97
C GLN A 185 3.03 5.57 -4.44
N LEU A 186 3.88 4.61 -4.82
CA LEU A 186 3.45 3.28 -5.22
C LEU A 186 3.74 2.29 -4.12
N TYR A 187 2.74 1.49 -3.72
CA TYR A 187 3.00 0.31 -2.89
C TYR A 187 3.07 -0.90 -3.81
N GLN A 188 4.26 -1.47 -3.93
CA GLN A 188 4.48 -2.68 -4.70
C GLN A 188 4.84 -3.86 -3.78
N ARG A 189 3.98 -4.87 -3.73
CA ARG A 189 4.12 -5.97 -2.78
C ARG A 189 5.31 -6.87 -3.12
N SER A 190 5.73 -6.85 -4.38
CA SER A 190 6.73 -7.81 -4.86
C SER A 190 7.54 -7.19 -5.97
N GLY A 191 8.86 -7.15 -5.78
CA GLY A 191 9.71 -6.47 -6.73
C GLY A 191 10.90 -7.30 -7.14
N ASP A 192 10.88 -7.77 -8.40
CA ASP A 192 12.03 -8.44 -9.01
C ASP A 192 13.02 -7.33 -9.36
N MET A 193 14.09 -7.22 -8.56
CA MET A 193 15.03 -6.10 -8.69
C MET A 193 15.69 -6.13 -10.05
N GLY A 194 15.85 -7.33 -10.60
CA GLY A 194 16.50 -7.52 -11.89
C GLY A 194 15.70 -7.06 -13.09
N LEU A 195 14.54 -7.68 -13.32
CA LEU A 195 13.78 -7.40 -14.54
C LEU A 195 12.61 -6.45 -14.33
N GLY A 196 12.07 -6.40 -13.11
CA GLY A 196 10.83 -5.66 -12.88
C GLY A 196 11.00 -4.21 -12.45
N VAL A 197 11.72 -4.02 -11.35
CA VAL A 197 11.69 -2.74 -10.64
C VAL A 197 12.09 -1.49 -11.46
N PRO A 198 13.17 -1.54 -12.27
CA PRO A 198 13.47 -0.36 -13.10
C PRO A 198 12.33 0.00 -14.06
N PHE A 199 11.72 -1.01 -14.67
CA PHE A 199 10.54 -0.84 -15.52
C PHE A 199 9.39 -0.21 -14.72
N ASN A 200 9.19 -0.67 -13.49
CA ASN A 200 8.06 -0.21 -12.66
C ASN A 200 8.24 1.24 -12.22
N ILE A 201 9.47 1.63 -11.92
CA ILE A 201 9.74 3.03 -11.55
C ILE A 201 9.29 3.91 -12.72
N ALA A 202 9.65 3.50 -13.92
CA ALA A 202 9.33 4.24 -15.14
C ALA A 202 7.82 4.36 -15.37
N SER A 203 7.09 3.26 -15.17
CA SER A 203 5.63 3.26 -15.36
C SER A 203 4.92 4.29 -14.51
N TYR A 204 5.19 4.29 -13.22
CA TYR A 204 4.43 5.15 -12.34
C TYR A 204 4.97 6.58 -12.36
N SER A 205 6.23 6.75 -12.75
CA SER A 205 6.75 8.07 -13.01
C SER A 205 6.02 8.65 -14.22
N LEU A 206 5.84 7.83 -15.27
CA LEU A 206 5.11 8.27 -16.46
C LEU A 206 3.67 8.63 -16.12
N LEU A 207 3.02 7.76 -15.34
CA LEU A 207 1.65 8.01 -14.95
C LEU A 207 1.53 9.38 -14.27
N THR A 208 2.50 9.68 -13.41
CA THR A 208 2.47 10.94 -12.67
C THR A 208 2.65 12.15 -13.61
N TYR A 209 3.58 12.06 -14.55
CA TYR A 209 3.71 13.11 -15.57
C TYR A 209 2.41 13.32 -16.35
N MET A 210 1.73 12.22 -16.69
CA MET A 210 0.49 12.31 -17.46
C MET A 210 -0.62 12.99 -16.65
N LEU A 211 -0.79 12.57 -15.40
CA LEU A 211 -1.78 13.17 -14.53
C LEU A 211 -1.48 14.64 -14.25
N ALA A 212 -0.20 14.97 -14.10
CA ALA A 212 0.22 16.34 -13.82
C ALA A 212 -0.15 17.22 -15.02
N HIS A 213 0.12 16.70 -16.20
CA HIS A 213 -0.17 17.40 -17.44
C HIS A 213 -1.67 17.69 -17.57
N VAL A 214 -2.47 16.64 -17.43
CA VAL A 214 -3.92 16.75 -17.54
C VAL A 214 -4.55 17.66 -16.48
N THR A 215 -3.91 17.78 -15.32
CA THR A 215 -4.51 18.55 -14.23
C THR A 215 -3.90 19.93 -14.01
N GLY A 216 -2.99 20.34 -14.88
CA GLY A 216 -2.36 21.64 -14.81
C GLY A 216 -1.32 21.80 -13.73
N LEU A 217 -0.78 20.68 -13.25
CA LEU A 217 0.27 20.71 -12.24
C LEU A 217 1.63 20.32 -12.82
N ARG A 218 2.69 20.57 -12.06
CA ARG A 218 4.01 20.10 -12.46
C ARG A 218 4.33 18.81 -11.68
N PRO A 219 5.08 17.88 -12.29
CA PRO A 219 5.49 16.66 -11.60
C PRO A 219 6.39 16.94 -10.40
N GLY A 220 6.12 16.31 -9.27
CA GLY A 220 6.93 16.52 -8.08
C GLY A 220 7.90 15.39 -7.79
N GLU A 221 7.48 14.43 -6.97
CA GLU A 221 8.31 13.27 -6.61
C GLU A 221 7.57 11.95 -6.83
N PHE A 222 8.32 10.89 -7.12
CA PHE A 222 7.76 9.54 -7.10
C PHE A 222 8.42 8.79 -5.97
N ILE A 223 7.61 8.20 -5.11
CA ILE A 223 8.10 7.48 -3.95
C ILE A 223 7.79 5.99 -4.15
N HIS A 224 8.83 5.19 -4.20
CA HIS A 224 8.67 3.76 -4.45
C HIS A 224 8.80 2.96 -3.17
N THR A 225 7.70 2.37 -2.71
CA THR A 225 7.73 1.52 -1.53
C THR A 225 7.59 0.06 -1.94
N LEU A 226 8.51 -0.78 -1.46
CA LEU A 226 8.53 -2.20 -1.77
C LEU A 226 8.16 -3.06 -0.56
N GLY A 227 7.46 -4.16 -0.83
CA GLY A 227 7.29 -5.22 0.15
C GLY A 227 8.45 -6.19 0.00
N ASP A 228 8.21 -7.33 -0.62
CA ASP A 228 9.24 -8.34 -0.87
C ASP A 228 10.15 -7.90 -2.03
N ALA A 229 11.28 -7.29 -1.70
CA ALA A 229 12.24 -6.87 -2.72
C ALA A 229 13.26 -7.98 -2.89
N HIS A 230 13.32 -8.57 -4.08
CA HIS A 230 14.14 -9.77 -4.23
C HIS A 230 15.01 -9.82 -5.47
N ILE A 231 16.06 -10.62 -5.36
CA ILE A 231 16.94 -10.94 -6.48
C ILE A 231 16.84 -12.43 -6.78
N TYR A 232 16.47 -12.78 -8.00
CA TYR A 232 16.48 -14.19 -8.41
C TYR A 232 17.92 -14.70 -8.49
N LYS A 233 18.15 -15.93 -8.07
CA LYS A 233 19.52 -16.44 -8.02
C LYS A 233 20.18 -16.40 -9.39
N THR A 234 19.38 -16.60 -10.42
CA THR A 234 19.87 -16.61 -11.79
C THR A 234 20.29 -15.22 -12.28
N HIS A 235 19.98 -14.19 -11.50
CA HIS A 235 20.30 -12.80 -11.86
C HIS A 235 21.54 -12.27 -11.15
N ILE A 236 22.12 -13.07 -10.27
CA ILE A 236 23.23 -12.59 -9.46
C ILE A 236 24.43 -12.17 -10.33
N GLU A 237 24.76 -12.95 -11.36
CA GLU A 237 25.90 -12.60 -12.20
C GLU A 237 25.65 -11.32 -13.02
N PRO A 238 24.51 -11.23 -13.74
CA PRO A 238 24.31 -9.96 -14.47
C PRO A 238 24.18 -8.73 -13.58
N LEU A 239 23.55 -8.87 -12.42
CA LEU A 239 23.39 -7.74 -11.50
C LEU A 239 24.72 -7.29 -10.87
N ARG A 240 25.62 -8.24 -10.61
CA ARG A 240 26.96 -7.86 -10.16
C ARG A 240 27.65 -7.05 -11.26
N LEU A 241 27.46 -7.43 -12.52
CA LEU A 241 27.94 -6.62 -13.65
C LEU A 241 27.32 -5.22 -13.58
N GLN A 242 26.00 -5.14 -13.44
CA GLN A 242 25.33 -3.83 -13.38
C GLN A 242 25.86 -2.98 -12.23
N LEU A 243 26.21 -3.62 -11.11
CA LEU A 243 26.72 -2.90 -9.94
C LEU A 243 28.09 -2.25 -10.20
N THR A 244 28.78 -2.67 -11.27
CA THR A 244 30.07 -2.02 -11.58
C THR A 244 29.88 -0.71 -12.36
N ARG A 245 28.65 -0.43 -12.79
CA ARG A 245 28.43 0.72 -13.67
C ARG A 245 28.03 2.00 -12.94
N THR A 246 28.60 3.12 -13.39
CA THR A 246 28.22 4.42 -12.84
C THR A 246 27.02 4.99 -13.62
N PRO A 247 25.99 5.42 -12.89
CA PRO A 247 24.81 6.00 -13.53
C PRO A 247 25.16 7.20 -14.42
N ARG A 248 24.46 7.38 -15.53
CA ARG A 248 24.53 8.61 -16.31
C ARG A 248 23.42 9.55 -15.85
N PRO A 249 23.58 10.86 -16.08
CA PRO A 249 22.47 11.77 -15.80
C PRO A 249 21.17 11.27 -16.43
N PHE A 250 20.08 11.33 -15.67
CA PHE A 250 18.76 10.95 -16.17
C PHE A 250 18.36 11.74 -17.40
N PRO A 251 17.52 11.17 -18.26
CA PRO A 251 16.96 11.96 -19.37
C PRO A 251 15.87 12.92 -18.88
N ARG A 252 15.32 13.69 -19.81
CA ARG A 252 14.11 14.45 -19.55
C ARG A 252 12.95 13.87 -20.36
N LEU A 253 11.74 14.10 -19.89
CA LEU A 253 10.58 13.67 -20.63
C LEU A 253 9.78 14.87 -21.05
N GLU A 254 9.46 14.93 -22.34
CA GLU A 254 8.66 16.01 -22.88
C GLU A 254 7.35 15.48 -23.41
N ILE A 255 6.27 16.20 -23.14
CA ILE A 255 4.97 15.90 -23.70
C ILE A 255 4.73 16.90 -24.83
N LEU A 256 4.48 16.38 -26.04
CA LEU A 256 4.59 17.16 -27.29
C LEU A 256 3.34 17.94 -27.72
N ARG A 257 2.28 17.80 -26.94
CA ARG A 257 0.94 18.22 -27.36
C ARG A 257 0.16 18.54 -26.09
N SER A 258 -0.80 19.45 -26.18
CA SER A 258 -1.76 19.63 -25.09
C SER A 258 -2.72 18.45 -25.10
N VAL A 259 -2.74 17.69 -24.01
CA VAL A 259 -3.66 16.57 -23.92
C VAL A 259 -4.64 16.81 -22.78
N SER A 260 -5.93 16.79 -23.09
CA SER A 260 -6.95 17.16 -22.10
C SER A 260 -7.43 16.02 -21.21
N SER A 261 -7.23 14.78 -21.65
CA SER A 261 -7.78 13.64 -20.93
C SER A 261 -6.76 12.51 -20.80
N MET A 262 -6.86 11.74 -19.71
CA MET A 262 -5.93 10.65 -19.47
C MET A 262 -6.05 9.57 -20.54
N GLU A 263 -7.23 9.49 -21.17
CA GLU A 263 -7.48 8.46 -22.16
C GLU A 263 -7.08 8.89 -23.58
N GLU A 264 -6.69 10.14 -23.76
CA GLU A 264 -6.39 10.66 -25.09
C GLU A 264 -4.90 10.64 -25.43
N PHE A 265 -4.07 10.16 -24.51
CA PHE A 265 -2.64 10.07 -24.79
C PHE A 265 -2.30 9.01 -25.85
N THR A 266 -1.26 9.23 -26.65
CA THR A 266 -0.72 8.20 -27.54
C THR A 266 0.79 8.16 -27.34
N PRO A 267 1.45 7.06 -27.75
CA PRO A 267 2.92 6.96 -27.60
C PRO A 267 3.67 8.09 -28.28
N ASP A 268 3.08 8.65 -29.34
CA ASP A 268 3.75 9.69 -30.11
C ASP A 268 3.71 11.04 -29.38
N ASP A 269 3.02 11.08 -28.24
CA ASP A 269 2.94 12.33 -27.46
C ASP A 269 4.14 12.54 -26.56
N PHE A 270 4.99 11.53 -26.42
CA PHE A 270 6.10 11.61 -25.48
C PHE A 270 7.43 11.65 -26.23
N ARG A 271 8.34 12.47 -25.72
CA ARG A 271 9.68 12.49 -26.25
C ARG A 271 10.68 12.36 -25.13
N LEU A 272 11.46 11.28 -25.18
CA LEU A 272 12.52 11.08 -24.22
C LEU A 272 13.75 11.86 -24.70
N VAL A 273 14.24 12.81 -23.89
CA VAL A 273 15.39 13.64 -24.27
C VAL A 273 16.68 13.24 -23.55
N ASP A 274 17.71 12.90 -24.32
CA ASP A 274 19.02 12.53 -23.79
C ASP A 274 18.99 11.31 -22.86
N TYR A 275 18.39 10.22 -23.31
CA TYR A 275 18.50 8.95 -22.59
C TYR A 275 19.76 8.22 -23.05
N CYS A 276 20.74 8.09 -22.16
CA CYS A 276 22.03 7.51 -22.54
C CYS A 276 22.42 6.38 -21.64
N PRO A 277 21.73 5.24 -21.76
CA PRO A 277 22.02 4.15 -20.81
C PRO A 277 23.25 3.34 -21.19
N HIS A 278 23.84 2.65 -20.21
CA HIS A 278 24.74 1.53 -20.48
C HIS A 278 23.96 0.47 -21.26
N PRO A 279 24.67 -0.47 -21.89
CA PRO A 279 23.99 -1.51 -22.67
C PRO A 279 22.94 -2.30 -21.90
N THR A 280 21.94 -2.75 -22.64
CA THR A 280 21.01 -3.77 -22.19
C THR A 280 21.71 -4.94 -21.50
N ILE A 281 21.18 -5.34 -20.35
CA ILE A 281 21.66 -6.53 -19.69
C ILE A 281 20.57 -7.59 -19.77
N ARG A 282 20.88 -8.69 -20.44
CA ARG A 282 19.93 -9.78 -20.54
C ARG A 282 19.94 -10.57 -19.23
N MET A 283 18.74 -10.90 -18.76
CA MET A 283 18.59 -11.75 -17.59
C MET A 283 17.45 -12.73 -17.83
N GLU A 284 17.59 -13.94 -17.30
CA GLU A 284 16.70 -15.05 -17.64
C GLU A 284 15.22 -14.82 -17.27
N MET A 285 14.85 -15.06 -16.02
CA MET A 285 13.42 -15.08 -15.66
C MET A 285 13.20 -14.97 -14.15
N PRO B 1 20.17 3.05 18.14
CA PRO B 1 19.38 4.16 18.66
C PRO B 1 17.97 3.70 19.03
N HIS B 2 17.34 4.40 19.95
CA HIS B 2 15.97 4.08 20.34
C HIS B 2 15.08 4.26 19.12
N GLU B 3 14.32 3.21 18.79
CA GLU B 3 13.47 3.23 17.60
C GLU B 3 12.39 4.32 17.60
N GLU B 4 12.02 4.81 18.77
CA GLU B 4 11.03 5.89 18.86
C GLU B 4 11.58 7.22 18.31
N LEU B 5 12.91 7.33 18.27
CA LEU B 5 13.54 8.51 17.67
C LEU B 5 13.17 8.67 16.19
N GLN B 6 12.83 7.58 15.50
CA GLN B 6 12.31 7.71 14.13
C GLN B 6 11.04 8.57 14.11
N TYR B 7 10.08 8.21 14.96
CA TYR B 7 8.82 8.96 15.04
C TYR B 7 9.07 10.42 15.41
N LEU B 8 9.93 10.65 16.38
CA LEU B 8 10.28 12.00 16.81
C LEU B 8 10.99 12.77 15.69
N ARG B 9 11.84 12.09 14.94
CA ARG B 9 12.51 12.74 13.80
C ARG B 9 11.49 13.09 12.73
N GLN B 10 10.48 12.24 12.55
CA GLN B 10 9.44 12.47 11.56
C GLN B 10 8.64 13.72 11.95
N LEU B 11 8.34 13.84 13.23
CA LEU B 11 7.67 15.03 13.76
C LEU B 11 8.46 16.28 13.46
N ARG B 12 9.75 16.21 13.72
CA ARG B 12 10.65 17.35 13.50
C ARG B 12 10.72 17.77 12.03
N GLU B 13 10.82 16.81 11.13
CA GLU B 13 10.87 17.13 9.71
C GLU B 13 9.61 17.82 9.25
N ILE B 14 8.45 17.31 9.69
CA ILE B 14 7.19 17.92 9.30
C ILE B 14 7.06 19.36 9.84
N LEU B 15 7.45 19.57 11.09
CA LEU B 15 7.40 20.93 11.64
C LEU B 15 8.38 21.86 10.93
N CYS B 16 9.50 21.29 10.47
CA CYS B 16 10.56 22.07 9.85
C CYS B 16 10.25 22.42 8.41
N ARG B 17 9.86 21.43 7.60
CA ARG B 17 9.66 21.68 6.18
C ARG B 17 8.36 21.13 5.62
N GLY B 18 7.41 20.81 6.49
CA GLY B 18 6.13 20.33 6.04
C GLY B 18 5.41 21.40 5.25
N SER B 19 4.57 20.98 4.32
CA SER B 19 3.79 21.91 3.52
C SER B 19 2.53 22.36 4.25
N ASP B 20 2.28 23.67 4.23
CA ASP B 20 1.15 24.28 4.93
C ASP B 20 -0.10 24.30 4.05
N ARG B 21 -1.09 23.46 4.34
CA ARG B 21 -2.24 23.37 3.45
C ARG B 21 -3.58 23.35 4.20
N LEU B 22 -4.58 23.97 3.60
CA LEU B 22 -5.96 23.90 4.10
C LEU B 22 -6.80 22.96 3.25
N ASP B 23 -7.68 22.20 3.89
CA ASP B 23 -8.55 21.31 3.15
C ASP B 23 -9.82 22.06 2.74
N ARG B 24 -10.73 21.37 2.08
CA ARG B 24 -11.97 21.98 1.58
C ARG B 24 -12.98 22.26 2.71
N THR B 25 -12.58 22.06 3.96
CA THR B 25 -13.39 22.43 5.11
C THR B 25 -12.70 23.50 5.95
N GLY B 26 -11.50 23.88 5.54
CA GLY B 26 -10.83 25.05 6.09
C GLY B 26 -9.88 24.83 7.26
N ILE B 27 -9.48 23.58 7.49
CA ILE B 27 -8.55 23.29 8.58
C ILE B 27 -7.15 23.09 8.05
N GLY B 28 -6.16 23.56 8.80
CA GLY B 28 -4.78 23.53 8.34
C GLY B 28 -3.92 22.46 8.99
N THR B 29 -3.12 21.83 8.14
CA THR B 29 -2.09 20.91 8.58
C THR B 29 -0.73 21.29 8.01
N LEU B 30 0.32 20.82 8.65
CA LEU B 30 1.62 20.72 8.01
C LEU B 30 1.76 19.27 7.57
N SER B 31 2.22 19.00 6.35
CA SER B 31 2.38 17.60 5.96
C SER B 31 3.60 17.35 5.10
N LEU B 32 4.04 16.09 5.10
CA LEU B 32 5.03 15.57 4.18
C LEU B 32 4.45 14.25 3.60
N PHE B 33 4.93 13.86 2.43
CA PHE B 33 4.35 12.72 1.74
C PHE B 33 5.40 11.65 1.52
N GLY B 34 5.15 10.45 2.04
CA GLY B 34 6.07 9.33 1.85
C GLY B 34 7.08 9.27 2.98
N MET B 35 6.84 8.35 3.91
CA MET B 35 7.73 8.14 5.05
C MET B 35 7.77 6.65 5.37
N GLN B 36 8.84 6.22 6.02
CA GLN B 36 8.94 4.82 6.42
C GLN B 36 9.82 4.67 7.65
N ALA B 37 9.36 3.86 8.60
CA ALA B 37 10.11 3.56 9.82
C ALA B 37 10.03 2.08 10.11
N ARG B 38 10.99 1.57 10.87
CA ARG B 38 11.06 0.15 11.18
C ARG B 38 11.09 -0.02 12.70
N TYR B 39 10.22 -0.90 13.20
CA TYR B 39 10.20 -1.20 14.63
C TYR B 39 10.44 -2.68 14.85
N SER B 40 11.50 -2.99 15.59
CA SER B 40 11.78 -4.38 15.93
C SER B 40 10.69 -4.87 16.89
N LEU B 41 10.32 -6.14 16.75
CA LEU B 41 9.28 -6.78 17.56
C LEU B 41 9.87 -7.93 18.39
N ARG B 42 11.15 -8.21 18.17
CA ARG B 42 11.81 -9.39 18.73
C ARG B 42 11.94 -9.37 20.24
N ASP B 43 12.52 -8.29 20.75
CA ASP B 43 12.92 -8.18 22.15
C ASP B 43 12.03 -7.25 22.95
N HIS B 44 11.18 -6.51 22.26
CA HIS B 44 10.32 -5.56 22.93
C HIS B 44 9.09 -5.27 22.07
N PHE B 45 8.17 -4.50 22.61
CA PHE B 45 6.96 -4.11 21.89
C PHE B 45 6.96 -2.59 21.74
N PRO B 46 6.78 -2.10 20.51
CA PRO B 46 6.94 -0.66 20.23
C PRO B 46 5.72 0.21 20.60
N LEU B 47 5.34 0.19 21.87
CA LEU B 47 4.34 1.12 22.38
C LEU B 47 5.03 2.41 22.80
N LEU B 48 4.72 3.52 22.15
CA LEU B 48 5.56 4.71 22.28
C LEU B 48 5.52 5.28 23.69
N THR B 49 6.61 5.92 24.10
CA THR B 49 6.81 6.29 25.50
C THR B 49 6.80 7.80 25.77
N THR B 50 6.95 8.63 24.74
CA THR B 50 7.01 10.08 25.01
C THR B 50 5.63 10.66 25.24
N LYS B 51 4.60 9.84 25.02
CA LYS B 51 3.26 10.15 25.53
C LYS B 51 2.49 8.83 25.67
N ARG B 52 1.61 8.75 26.68
CA ARG B 52 0.91 7.48 26.93
C ARG B 52 0.00 7.13 25.77
N VAL B 53 0.15 5.92 25.23
CA VAL B 53 -0.72 5.40 24.20
C VAL B 53 -1.88 4.63 24.84
N PHE B 54 -3.08 4.79 24.30
CA PHE B 54 -4.29 4.12 24.81
C PHE B 54 -4.31 2.60 24.53
N TRP B 55 -3.47 1.84 25.25
CA TRP B 55 -3.31 0.40 25.02
C TRP B 55 -4.62 -0.39 25.14
N ARG B 56 -5.43 -0.07 26.16
CA ARG B 56 -6.70 -0.77 26.35
C ARG B 56 -7.57 -0.62 25.10
N GLY B 57 -7.58 0.58 24.52
CA GLY B 57 -8.29 0.81 23.28
C GLY B 57 -7.67 0.05 22.11
N VAL B 58 -6.35 0.07 22.01
CA VAL B 58 -5.68 -0.69 20.97
C VAL B 58 -6.13 -2.17 20.96
N VAL B 59 -6.06 -2.83 22.11
CA VAL B 59 -6.45 -4.25 22.20
C VAL B 59 -7.90 -4.51 21.84
N GLN B 60 -8.84 -3.80 22.48
CA GLN B 60 -10.26 -4.06 22.24
C GLN B 60 -10.64 -3.76 20.79
N GLU B 61 -10.08 -2.68 20.24
CA GLU B 61 -10.41 -2.35 18.86
C GLU B 61 -9.96 -3.44 17.89
N LEU B 62 -8.73 -3.93 18.06
CA LEU B 62 -8.24 -4.97 17.14
C LEU B 62 -9.08 -6.25 17.24
N LEU B 63 -9.33 -6.74 18.46
CA LEU B 63 -10.14 -7.95 18.63
C LEU B 63 -11.53 -7.80 18.00
N TRP B 64 -12.08 -6.61 18.18
CA TRP B 64 -13.37 -6.22 17.60
C TRP B 64 -13.37 -6.35 16.08
N PHE B 65 -12.35 -5.80 15.43
CA PHE B 65 -12.31 -5.86 13.98
C PHE B 65 -11.99 -7.27 13.48
N LEU B 66 -11.14 -7.99 14.19
CA LEU B 66 -10.78 -9.35 13.76
C LEU B 66 -12.00 -10.28 13.66
N LYS B 67 -13.00 -10.07 14.53
CA LYS B 67 -14.18 -10.93 14.47
C LYS B 67 -15.18 -10.42 13.44
N GLY B 68 -14.80 -9.39 12.68
CA GLY B 68 -15.61 -8.94 11.56
C GLY B 68 -16.74 -7.96 11.88
N SER B 69 -16.72 -7.41 13.08
CA SER B 69 -17.76 -6.49 13.51
C SER B 69 -17.71 -5.13 12.83
N THR B 70 -18.89 -4.63 12.47
CA THR B 70 -19.03 -3.24 12.03
C THR B 70 -19.99 -2.50 12.94
N ASP B 71 -20.16 -3.03 14.16
CA ASP B 71 -21.08 -2.48 15.14
C ASP B 71 -20.33 -1.77 16.27
N SER B 72 -20.40 -0.45 16.29
CA SER B 72 -19.66 0.32 17.31
C SER B 72 -20.14 -0.01 18.72
N ARG B 73 -21.40 -0.43 18.84
CA ARG B 73 -21.94 -0.77 20.15
C ARG B 73 -21.22 -1.96 20.74
N GLU B 74 -20.87 -2.93 19.91
CA GLU B 74 -20.11 -4.10 20.38
C GLU B 74 -18.76 -3.69 20.96
N LEU B 75 -18.15 -2.64 20.40
CA LEU B 75 -16.91 -2.15 20.96
C LEU B 75 -17.20 -1.34 22.21
N SER B 76 -18.26 -0.53 22.15
CA SER B 76 -18.60 0.33 23.27
C SER B 76 -18.88 -0.50 24.52
N ARG B 77 -19.50 -1.65 24.33
CA ARG B 77 -19.86 -2.51 25.47
C ARG B 77 -18.66 -3.08 26.19
N THR B 78 -17.48 -2.96 25.58
CA THR B 78 -16.26 -3.40 26.24
C THR B 78 -15.65 -2.28 27.06
N GLY B 79 -16.25 -1.09 27.00
CA GLY B 79 -15.73 0.04 27.73
C GLY B 79 -14.81 0.93 26.88
N VAL B 80 -14.67 0.59 25.60
CA VAL B 80 -13.89 1.43 24.68
C VAL B 80 -14.80 2.19 23.73
N LYS B 81 -14.71 3.52 23.77
CA LYS B 81 -15.70 4.41 23.18
C LYS B 81 -15.22 5.16 21.94
N ILE B 82 -14.05 4.80 21.41
CA ILE B 82 -13.42 5.62 20.38
C ILE B 82 -14.17 5.60 19.05
N TRP B 83 -15.05 4.63 18.83
CA TRP B 83 -15.86 4.61 17.61
C TRP B 83 -17.30 5.12 17.82
N ASP B 84 -17.63 5.51 19.03
CA ASP B 84 -19.04 5.82 19.35
C ASP B 84 -19.53 7.07 18.63
N LYS B 85 -18.68 8.09 18.49
CA LYS B 85 -19.11 9.28 17.74
C LYS B 85 -19.46 8.89 16.30
N ASN B 86 -18.59 8.10 15.66
CA ASN B 86 -18.82 7.65 14.30
C ASN B 86 -20.06 6.79 14.12
N GLY B 87 -20.46 6.07 15.18
CA GLY B 87 -21.62 5.20 15.11
C GLY B 87 -22.93 5.85 15.56
N SER B 88 -22.84 7.08 16.02
CA SER B 88 -24.02 7.83 16.48
C SER B 88 -24.94 8.15 15.32
N ARG B 89 -26.24 8.21 15.58
CA ARG B 89 -27.21 8.42 14.52
C ARG B 89 -27.00 9.78 13.86
N GLU B 90 -26.60 10.77 14.66
CA GLU B 90 -26.32 12.11 14.16
C GLU B 90 -25.16 12.09 13.17
N PHE B 91 -24.10 11.39 13.52
CA PHE B 91 -22.93 11.28 12.64
C PHE B 91 -23.31 10.60 11.33
N LEU B 92 -23.99 9.47 11.42
CA LEU B 92 -24.41 8.75 10.23
C LEU B 92 -25.38 9.59 9.37
N ALA B 93 -26.27 10.35 10.02
CA ALA B 93 -27.09 11.30 9.25
C ALA B 93 -26.20 12.33 8.56
N GLY B 94 -25.20 12.86 9.28
CA GLY B 94 -24.27 13.80 8.70
C GLY B 94 -23.53 13.25 7.48
N ARG B 95 -23.31 11.94 7.48
CA ARG B 95 -22.66 11.22 6.38
C ARG B 95 -23.59 10.96 5.20
N GLY B 96 -24.90 11.10 5.42
CA GLY B 96 -25.88 10.77 4.40
C GLY B 96 -26.33 9.33 4.53
N LEU B 97 -26.23 8.80 5.74
CA LEU B 97 -26.62 7.41 6.00
C LEU B 97 -27.61 7.35 7.17
N ALA B 98 -28.59 8.25 7.19
CA ALA B 98 -29.47 8.43 8.35
C ALA B 98 -30.37 7.22 8.66
N HIS B 99 -30.57 6.34 7.67
CA HIS B 99 -31.38 5.12 7.84
C HIS B 99 -30.81 4.17 8.89
N ARG B 100 -29.49 4.18 9.03
CA ARG B 100 -28.76 3.31 9.93
C ARG B 100 -29.30 3.33 11.37
N ARG B 101 -29.36 2.17 12.00
CA ARG B 101 -29.51 2.14 13.45
C ARG B 101 -28.23 2.68 14.08
N GLU B 102 -28.32 3.15 15.31
CA GLU B 102 -27.13 3.57 16.04
C GLU B 102 -26.11 2.43 16.13
N GLY B 103 -24.88 2.71 15.71
CA GLY B 103 -23.83 1.72 15.80
C GLY B 103 -23.44 1.11 14.47
N ASP B 104 -24.28 1.28 13.44
CA ASP B 104 -24.01 0.64 12.18
C ASP B 104 -23.05 1.49 11.32
N LEU B 105 -21.77 1.12 11.38
CA LEU B 105 -20.69 1.88 10.73
C LEU B 105 -20.57 1.63 9.23
N GLY B 106 -21.27 0.62 8.73
CA GLY B 106 -21.13 0.25 7.34
C GLY B 106 -19.93 -0.66 7.17
N PRO B 107 -19.56 -0.92 5.90
CA PRO B 107 -18.53 -1.91 5.59
C PRO B 107 -17.12 -1.38 5.87
N VAL B 108 -16.81 -1.13 7.14
CA VAL B 108 -15.48 -0.67 7.54
C VAL B 108 -14.57 -1.90 7.73
N TYR B 109 -13.49 -1.76 8.46
CA TYR B 109 -12.44 -2.78 8.54
C TYR B 109 -12.92 -4.22 8.74
N GLY B 110 -13.76 -4.44 9.74
CA GLY B 110 -14.24 -5.77 10.11
C GLY B 110 -14.84 -6.50 8.93
N PHE B 111 -15.66 -5.78 8.18
CA PHE B 111 -16.31 -6.33 6.99
C PHE B 111 -15.34 -6.57 5.85
N GLN B 112 -14.44 -5.61 5.60
CA GLN B 112 -13.45 -5.79 4.52
C GLN B 112 -12.53 -6.98 4.80
N TRP B 113 -12.07 -7.09 6.05
CA TRP B 113 -11.19 -8.18 6.42
C TRP B 113 -11.84 -9.55 6.30
N ARG B 114 -13.11 -9.66 6.70
CA ARG B 114 -13.72 -10.98 6.75
C ARG B 114 -14.61 -11.29 5.55
N HIS B 115 -15.08 -10.26 4.85
CA HIS B 115 -16.05 -10.44 3.75
C HIS B 115 -15.80 -9.51 2.55
N PHE B 116 -14.55 -9.38 2.12
CA PHE B 116 -14.24 -8.44 1.05
C PHE B 116 -15.05 -8.74 -0.21
N GLY B 117 -15.72 -7.72 -0.74
CA GLY B 117 -16.46 -7.88 -1.97
C GLY B 117 -17.91 -8.32 -1.80
N ALA B 118 -18.30 -8.65 -0.57
CA ALA B 118 -19.69 -8.99 -0.30
C ALA B 118 -20.54 -7.74 -0.37
N ALA B 119 -21.84 -7.91 -0.63
CA ALA B 119 -22.77 -6.79 -0.59
C ALA B 119 -23.16 -6.50 0.85
N TYR B 120 -22.83 -5.31 1.32
CA TYR B 120 -23.16 -4.91 2.67
C TYR B 120 -24.67 -4.68 2.78
N VAL B 121 -25.28 -5.17 3.85
CA VAL B 121 -26.69 -4.91 4.10
C VAL B 121 -26.76 -4.01 5.31
N ASP B 122 -26.56 -4.57 6.50
CA ASP B 122 -26.40 -3.77 7.71
C ASP B 122 -25.54 -4.51 8.71
N ALA B 123 -25.33 -3.91 9.88
CA ALA B 123 -24.42 -4.47 10.87
C ALA B 123 -24.93 -5.75 11.53
N ASP B 124 -26.21 -6.05 11.36
CA ASP B 124 -26.81 -7.20 12.04
C ASP B 124 -26.92 -8.41 11.12
N ALA B 125 -26.63 -8.23 9.84
CA ALA B 125 -26.80 -9.30 8.87
C ALA B 125 -25.77 -10.41 9.07
N ASP B 126 -26.11 -11.59 8.57
CA ASP B 126 -25.21 -12.74 8.61
C ASP B 126 -24.52 -12.87 7.25
N TYR B 127 -23.19 -12.75 7.23
CA TYR B 127 -22.42 -12.76 5.98
C TYR B 127 -21.57 -14.02 5.82
N THR B 128 -21.94 -15.09 6.51
CA THR B 128 -21.22 -16.36 6.41
C THR B 128 -21.10 -16.84 4.97
N GLY B 129 -19.87 -17.15 4.57
CA GLY B 129 -19.62 -17.60 3.22
C GLY B 129 -19.80 -16.53 2.16
N GLN B 130 -19.95 -15.28 2.58
CA GLN B 130 -20.05 -14.17 1.62
C GLN B 130 -18.74 -13.39 1.56
N GLY B 131 -18.29 -13.13 0.33
CA GLY B 131 -17.09 -12.36 0.10
C GLY B 131 -15.83 -13.15 0.42
N PHE B 132 -14.71 -12.44 0.50
CA PHE B 132 -13.39 -13.05 0.64
C PHE B 132 -12.86 -12.85 2.06
N ASP B 133 -12.64 -13.96 2.78
CA ASP B 133 -12.13 -13.90 4.14
C ASP B 133 -10.61 -13.73 4.09
N GLN B 134 -10.14 -12.48 4.17
CA GLN B 134 -8.71 -12.22 4.03
C GLN B 134 -7.92 -12.73 5.25
N LEU B 135 -8.59 -12.78 6.40
CA LEU B 135 -7.91 -13.17 7.63
C LEU B 135 -7.56 -14.65 7.54
N SER B 136 -8.51 -15.48 7.14
CA SER B 136 -8.23 -16.90 6.95
C SER B 136 -7.21 -17.10 5.83
N TYR B 137 -7.34 -16.30 4.79
CA TYR B 137 -6.39 -16.28 3.67
C TYR B 137 -4.94 -16.11 4.14
N ILE B 138 -4.66 -15.08 4.92
CA ILE B 138 -3.25 -14.84 5.28
C ILE B 138 -2.77 -15.86 6.34
N VAL B 139 -3.65 -16.33 7.21
CA VAL B 139 -3.25 -17.32 8.21
C VAL B 139 -2.85 -18.62 7.50
N ASP B 140 -3.64 -19.03 6.51
CA ASP B 140 -3.32 -20.20 5.71
C ASP B 140 -1.97 -20.06 5.00
N LEU B 141 -1.70 -18.87 4.45
CA LEU B 141 -0.45 -18.69 3.72
C LEU B 141 0.74 -18.72 4.67
N ILE B 142 0.66 -18.00 5.76
CA ILE B 142 1.74 -17.96 6.74
C ILE B 142 2.09 -19.37 7.22
N LYS B 143 1.07 -20.19 7.45
CA LYS B 143 1.26 -21.59 7.88
C LYS B 143 1.78 -22.51 6.79
N ASN B 144 1.17 -22.47 5.62
CA ASN B 144 1.38 -23.49 4.61
C ASN B 144 2.15 -23.04 3.37
N ASN B 145 2.38 -21.75 3.23
CA ASN B 145 3.16 -21.25 2.09
C ASN B 145 3.86 -19.98 2.50
N PRO B 146 4.70 -20.07 3.55
CA PRO B 146 5.20 -18.88 4.26
C PRO B 146 6.01 -17.92 3.39
N HIS B 147 6.58 -18.37 2.27
CA HIS B 147 7.39 -17.47 1.43
C HIS B 147 6.59 -16.81 0.32
N ASP B 148 5.29 -17.03 0.33
CA ASP B 148 4.38 -16.43 -0.62
C ASP B 148 4.52 -14.91 -0.58
N ARG B 149 4.49 -14.27 -1.74
CA ARG B 149 4.65 -12.81 -1.80
C ARG B 149 3.32 -12.08 -1.90
N ARG B 150 2.22 -12.82 -1.68
CA ARG B 150 0.87 -12.24 -1.71
C ARG B 150 0.11 -12.32 -0.39
N ILE B 151 0.84 -12.28 0.72
CA ILE B 151 0.18 -12.36 2.00
C ILE B 151 -0.31 -10.98 2.40
N ILE B 152 -1.48 -10.63 1.87
CA ILE B 152 -2.06 -9.30 1.90
C ILE B 152 -3.42 -9.32 2.58
N MET B 153 -3.68 -8.30 3.39
CA MET B 153 -5.03 -8.03 3.88
C MET B 153 -5.27 -6.54 3.58
N CYS B 154 -6.31 -6.24 2.81
CA CYS B 154 -6.57 -4.89 2.31
C CYS B 154 -7.92 -4.34 2.78
N ALA B 155 -7.96 -3.09 3.29
CA ALA B 155 -9.23 -2.52 3.76
C ALA B 155 -9.81 -1.50 2.78
N TRP B 156 -9.06 -1.17 1.73
CA TRP B 156 -9.50 -0.16 0.76
C TRP B 156 -10.35 -0.76 -0.35
N ASN B 157 -11.65 -0.49 -0.29
CA ASN B 157 -12.59 -0.97 -1.28
C ASN B 157 -13.34 0.28 -1.77
N PRO B 158 -12.89 0.88 -2.87
CA PRO B 158 -13.48 2.16 -3.28
C PRO B 158 -15.00 2.13 -3.51
N ALA B 159 -15.51 0.99 -3.97
CA ALA B 159 -16.93 0.82 -4.23
C ALA B 159 -17.76 0.92 -2.95
N ASP B 160 -17.13 0.64 -1.80
CA ASP B 160 -17.80 0.65 -0.51
C ASP B 160 -17.67 1.96 0.27
N LEU B 161 -16.82 2.86 -0.22
CA LEU B 161 -16.50 4.11 0.50
C LEU B 161 -17.74 4.92 0.91
N SER B 162 -18.69 5.04 0.00
CA SER B 162 -19.89 5.82 0.28
C SER B 162 -20.78 5.19 1.37
N LEU B 163 -20.54 3.92 1.68
CA LEU B 163 -21.36 3.24 2.70
C LEU B 163 -20.74 3.27 4.09
N MET B 164 -19.48 3.69 4.15
CA MET B 164 -18.70 3.69 5.37
C MET B 164 -18.87 4.97 6.19
N ALA B 165 -18.86 4.83 7.51
CA ALA B 165 -18.85 6.00 8.38
C ALA B 165 -17.63 6.90 8.11
N LEU B 166 -16.48 6.25 7.93
CA LEU B 166 -15.21 6.92 7.63
C LEU B 166 -14.42 6.03 6.69
N PRO B 167 -13.72 6.61 5.69
CA PRO B 167 -12.87 5.76 4.85
C PRO B 167 -11.68 5.25 5.65
N PRO B 168 -11.22 4.03 5.36
CA PRO B 168 -10.09 3.47 6.12
C PRO B 168 -8.82 4.31 5.93
N CYS B 169 -8.01 4.43 6.97
CA CYS B 169 -6.70 5.07 6.88
C CYS B 169 -5.62 4.04 6.60
N HIS B 170 -5.84 2.83 7.11
CA HIS B 170 -4.89 1.73 6.97
C HIS B 170 -5.30 0.84 5.82
N LEU B 171 -4.70 1.10 4.67
CA LEU B 171 -5.21 0.57 3.42
C LEU B 171 -4.88 -0.90 3.26
N LEU B 172 -3.67 -1.29 3.66
CA LEU B 172 -3.35 -2.69 3.64
C LEU B 172 -2.15 -3.03 4.48
N CYS B 173 -2.06 -4.31 4.82
CA CYS B 173 -0.86 -4.80 5.47
C CYS B 173 -0.36 -6.00 4.68
N GLN B 174 0.97 -6.14 4.63
CA GLN B 174 1.58 -7.31 4.01
C GLN B 174 2.44 -8.03 5.04
N PHE B 175 2.46 -9.36 4.98
CA PHE B 175 3.30 -10.15 5.87
C PHE B 175 4.39 -10.90 5.12
N TYR B 176 5.44 -11.25 5.87
CA TYR B 176 6.67 -11.79 5.32
C TYR B 176 7.26 -12.75 6.34
N VAL B 177 7.64 -13.93 5.88
CA VAL B 177 8.24 -14.93 6.77
C VAL B 177 9.66 -15.23 6.36
N ALA B 178 10.59 -15.04 7.30
CA ALA B 178 11.99 -15.39 7.05
C ALA B 178 12.63 -15.90 8.33
N ASP B 179 13.36 -17.02 8.22
CA ASP B 179 14.09 -17.62 9.33
C ASP B 179 13.31 -17.67 10.64
N GLY B 180 12.09 -18.20 10.58
CA GLY B 180 11.30 -18.39 11.79
C GLY B 180 10.68 -17.12 12.36
N GLU B 181 10.76 -16.03 11.62
CA GLU B 181 10.20 -14.76 12.06
C GLU B 181 9.13 -14.22 11.11
N LEU B 182 8.10 -13.59 11.69
CA LEU B 182 7.02 -12.96 10.95
C LEU B 182 7.14 -11.44 10.98
N SER B 183 7.19 -10.81 9.82
CA SER B 183 7.22 -9.36 9.72
C SER B 183 5.97 -8.83 9.04
N CYS B 184 5.72 -7.54 9.25
CA CYS B 184 4.52 -6.88 8.74
C CYS B 184 4.83 -5.47 8.23
N GLN B 185 4.31 -5.13 7.06
CA GLN B 185 4.35 -3.74 6.58
C GLN B 185 2.93 -3.20 6.45
N LEU B 186 2.69 -2.03 7.03
CA LEU B 186 1.42 -1.34 6.92
C LEU B 186 1.55 -0.18 5.94
N TYR B 187 0.64 -0.10 4.97
CA TYR B 187 0.54 1.14 4.19
C TYR B 187 -0.60 1.96 4.76
N GLN B 188 -0.26 3.11 5.34
CA GLN B 188 -1.23 4.04 5.91
C GLN B 188 -1.31 5.30 5.06
N ARG B 189 -2.48 5.56 4.47
CA ARG B 189 -2.62 6.67 3.51
C ARG B 189 -2.60 8.03 4.19
N SER B 190 -2.81 8.03 5.49
CA SER B 190 -3.03 9.27 6.20
C SER B 190 -2.76 9.07 7.69
N GLY B 191 -1.81 9.82 8.21
CA GLY B 191 -1.44 9.67 9.61
C GLY B 191 -1.40 10.97 10.36
N ASP B 192 -2.35 11.14 11.27
CA ASP B 192 -2.31 12.19 12.26
C ASP B 192 -1.15 11.89 13.22
N MET B 193 -0.02 12.55 13.03
CA MET B 193 1.20 12.21 13.75
C MET B 193 1.03 12.41 15.26
N GLY B 194 0.25 13.42 15.64
CA GLY B 194 0.04 13.76 17.02
C GLY B 194 -0.86 12.78 17.79
N LEU B 195 -2.05 12.52 17.26
CA LEU B 195 -3.02 11.69 17.99
C LEU B 195 -3.09 10.24 17.50
N GLY B 196 -2.93 10.01 16.20
CA GLY B 196 -3.22 8.71 15.63
C GLY B 196 -2.08 7.72 15.49
N VAL B 197 -0.96 8.17 14.92
CA VAL B 197 0.12 7.29 14.54
C VAL B 197 0.69 6.38 15.65
N PRO B 198 0.90 6.89 16.87
CA PRO B 198 1.39 5.98 17.93
C PRO B 198 0.42 4.82 18.19
N PHE B 199 -0.87 5.13 18.23
CA PHE B 199 -1.92 4.11 18.38
C PHE B 199 -1.82 3.09 17.23
N ASN B 200 -1.68 3.61 16.01
CA ASN B 200 -1.62 2.78 14.81
C ASN B 200 -0.42 1.82 14.78
N ILE B 201 0.73 2.30 15.25
CA ILE B 201 1.89 1.44 15.34
C ILE B 201 1.59 0.26 16.27
N ALA B 202 0.99 0.56 17.41
CA ALA B 202 0.66 -0.48 18.39
C ALA B 202 -0.29 -1.52 17.80
N SER B 203 -1.26 -1.05 17.02
CA SER B 203 -2.30 -1.95 16.47
C SER B 203 -1.70 -3.01 15.59
N TYR B 204 -0.85 -2.61 14.65
CA TYR B 204 -0.35 -3.58 13.69
C TYR B 204 0.82 -4.36 14.29
N SER B 205 1.50 -3.80 15.26
CA SER B 205 2.49 -4.56 15.98
C SER B 205 1.83 -5.68 16.78
N LEU B 206 0.71 -5.36 17.44
CA LEU B 206 -0.05 -6.38 18.17
C LEU B 206 -0.58 -7.44 17.23
N LEU B 207 -1.13 -7.03 16.09
CA LEU B 207 -1.63 -7.96 15.08
C LEU B 207 -0.55 -8.97 14.70
N THR B 208 0.67 -8.46 14.51
CA THR B 208 1.79 -9.33 14.14
C THR B 208 2.14 -10.29 15.27
N TYR B 209 2.06 -9.81 16.51
CA TYR B 209 2.31 -10.66 17.68
C TYR B 209 1.30 -11.82 17.72
N MET B 210 0.03 -11.52 17.42
CA MET B 210 -1.02 -12.54 17.46
C MET B 210 -0.88 -13.57 16.34
N LEU B 211 -0.62 -13.10 15.13
CA LEU B 211 -0.45 -13.99 13.99
C LEU B 211 0.78 -14.87 14.17
N ALA B 212 1.87 -14.29 14.70
CA ALA B 212 3.07 -15.05 14.96
C ALA B 212 2.77 -16.18 15.97
N HIS B 213 2.03 -15.85 17.02
CA HIS B 213 1.67 -16.81 18.05
C HIS B 213 0.85 -17.97 17.46
N VAL B 214 -0.22 -17.64 16.77
CA VAL B 214 -1.09 -18.62 16.13
C VAL B 214 -0.36 -19.55 15.13
N THR B 215 0.66 -19.04 14.46
CA THR B 215 1.31 -19.79 13.39
C THR B 215 2.64 -20.40 13.82
N GLY B 216 3.01 -20.24 15.09
CA GLY B 216 4.24 -20.83 15.61
C GLY B 216 5.52 -20.14 15.15
N LEU B 217 5.42 -18.84 14.87
CA LEU B 217 6.56 -18.03 14.47
C LEU B 217 6.93 -17.03 15.56
N ARG B 218 8.08 -16.40 15.44
CA ARG B 218 8.43 -15.32 16.35
C ARG B 218 8.18 -13.97 15.66
N PRO B 219 7.73 -12.95 16.40
CA PRO B 219 7.62 -11.61 15.84
C PRO B 219 8.97 -11.08 15.33
N GLY B 220 9.00 -10.51 14.13
CA GLY B 220 10.23 -9.97 13.57
C GLY B 220 10.27 -8.46 13.55
N GLU B 221 9.82 -7.87 12.45
CA GLU B 221 9.78 -6.41 12.32
C GLU B 221 8.42 -5.90 11.92
N PHE B 222 8.10 -4.69 12.38
CA PHE B 222 6.95 -3.99 11.85
C PHE B 222 7.45 -2.80 11.04
N ILE B 223 7.10 -2.76 9.75
CA ILE B 223 7.50 -1.62 8.92
C ILE B 223 6.32 -0.69 8.69
N HIS B 224 6.45 0.57 9.12
CA HIS B 224 5.36 1.53 9.02
C HIS B 224 5.58 2.48 7.84
N THR B 225 4.72 2.38 6.85
CA THR B 225 4.83 3.24 5.66
C THR B 225 3.66 4.23 5.63
N LEU B 226 3.99 5.51 5.46
CA LEU B 226 2.98 6.57 5.46
C LEU B 226 2.89 7.28 4.11
N GLY B 227 1.66 7.68 3.75
CA GLY B 227 1.42 8.55 2.62
C GLY B 227 1.43 9.99 3.11
N ASP B 228 0.24 10.56 3.30
CA ASP B 228 0.12 11.92 3.86
C ASP B 228 0.36 11.88 5.37
N ALA B 229 1.58 12.21 5.78
CA ALA B 229 1.95 12.30 7.20
C ALA B 229 1.81 13.75 7.66
N HIS B 230 0.93 14.01 8.62
CA HIS B 230 0.63 15.40 8.94
C HIS B 230 0.48 15.70 10.43
N ILE B 231 0.60 16.98 10.73
CA ILE B 231 0.41 17.53 12.07
C ILE B 231 -0.65 18.63 11.98
N TYR B 232 -1.72 18.51 12.75
CA TYR B 232 -2.72 19.57 12.80
C TYR B 232 -2.09 20.79 13.46
N LYS B 233 -2.33 21.98 12.91
CA LYS B 233 -1.71 23.19 13.44
C LYS B 233 -1.96 23.41 14.93
N THR B 234 -3.15 23.05 15.40
CA THR B 234 -3.49 23.16 16.81
C THR B 234 -2.66 22.23 17.70
N HIS B 235 -2.06 21.21 17.09
CA HIS B 235 -1.22 20.26 17.84
C HIS B 235 0.23 20.71 17.98
N ILE B 236 0.62 21.77 17.29
CA ILE B 236 2.04 22.09 17.21
C ILE B 236 2.62 22.40 18.58
N GLU B 237 1.95 23.24 19.37
CA GLU B 237 2.47 23.58 20.70
C GLU B 237 2.63 22.39 21.63
N PRO B 238 1.58 21.55 21.81
CA PRO B 238 1.83 20.40 22.68
C PRO B 238 2.87 19.43 22.12
N LEU B 239 3.02 19.36 20.80
CA LEU B 239 4.05 18.50 20.23
C LEU B 239 5.46 19.04 20.51
N ARG B 240 5.62 20.36 20.52
CA ARG B 240 6.90 20.98 20.89
C ARG B 240 7.31 20.55 22.28
N LEU B 241 6.34 20.45 23.18
CA LEU B 241 6.58 19.95 24.53
C LEU B 241 6.99 18.46 24.51
N GLN B 242 6.21 17.66 23.79
CA GLN B 242 6.51 16.23 23.69
C GLN B 242 7.93 15.98 23.16
N LEU B 243 8.33 16.78 22.18
CA LEU B 243 9.65 16.63 21.56
C LEU B 243 10.81 16.93 22.49
N THR B 244 10.55 17.54 23.64
CA THR B 244 11.62 17.76 24.62
C THR B 244 11.87 16.52 25.49
N ARG B 245 11.09 15.46 25.27
CA ARG B 245 11.16 14.28 26.12
C ARG B 245 12.04 13.19 25.55
N THR B 246 12.85 12.57 26.41
CA THR B 246 13.68 11.45 25.98
C THR B 246 12.88 10.16 26.09
N PRO B 247 12.85 9.37 25.02
CA PRO B 247 12.17 8.08 25.08
C PRO B 247 12.68 7.18 26.22
N ARG B 248 11.78 6.47 26.87
CA ARG B 248 12.17 5.48 27.86
C ARG B 248 12.14 4.12 27.18
N PRO B 249 12.75 3.08 27.80
CA PRO B 249 12.81 1.78 27.11
C PRO B 249 11.42 1.24 26.82
N PHE B 250 11.25 0.65 25.64
CA PHE B 250 9.98 0.04 25.24
C PHE B 250 9.59 -1.06 26.20
N PRO B 251 8.27 -1.28 26.37
CA PRO B 251 7.82 -2.42 27.18
C PRO B 251 8.01 -3.72 26.45
N ARG B 252 7.55 -4.81 27.06
CA ARG B 252 7.52 -6.10 26.40
C ARG B 252 6.07 -6.59 26.40
N LEU B 253 5.74 -7.48 25.46
CA LEU B 253 4.40 -8.03 25.41
C LEU B 253 4.47 -9.54 25.55
N GLU B 254 3.69 -10.08 26.45
CA GLU B 254 3.64 -11.52 26.67
C GLU B 254 2.23 -12.00 26.43
N ILE B 255 2.11 -13.16 25.79
CA ILE B 255 0.82 -13.79 25.60
C ILE B 255 0.74 -14.94 26.61
N LEU B 256 -0.32 -14.93 27.43
CA LEU B 256 -0.37 -15.77 28.64
C LEU B 256 -0.73 -17.23 28.46
N ARG B 257 -1.35 -17.58 27.33
CA ARG B 257 -1.75 -18.96 27.09
C ARG B 257 -1.59 -19.32 25.63
N SER B 258 -1.70 -20.60 25.30
CA SER B 258 -1.65 -21.02 23.92
C SER B 258 -2.98 -20.78 23.26
N VAL B 259 -2.99 -19.90 22.26
CA VAL B 259 -4.19 -19.61 21.50
C VAL B 259 -3.97 -20.09 20.07
N SER B 260 -4.93 -20.83 19.55
CA SER B 260 -4.72 -21.54 18.28
C SER B 260 -5.46 -20.91 17.11
N SER B 261 -6.29 -19.90 17.37
CA SER B 261 -7.03 -19.25 16.32
C SER B 261 -7.04 -17.74 16.56
N MET B 262 -7.02 -16.95 15.49
CA MET B 262 -6.98 -15.49 15.64
C MET B 262 -8.23 -14.96 16.32
N GLU B 263 -9.29 -15.76 16.30
CA GLU B 263 -10.57 -15.36 16.85
C GLU B 263 -10.73 -15.71 18.34
N GLU B 264 -9.77 -16.42 18.92
CA GLU B 264 -9.92 -16.92 20.29
C GLU B 264 -9.17 -16.08 21.32
N PHE B 265 -8.45 -15.06 20.88
CA PHE B 265 -7.79 -14.15 21.82
C PHE B 265 -8.82 -13.37 22.61
N THR B 266 -8.49 -13.06 23.86
CA THR B 266 -9.28 -12.13 24.68
C THR B 266 -8.29 -11.14 25.25
N PRO B 267 -8.77 -9.97 25.70
CA PRO B 267 -7.85 -8.97 26.28
C PRO B 267 -7.02 -9.52 27.45
N ASP B 268 -7.57 -10.50 28.17
CA ASP B 268 -6.88 -11.08 29.31
C ASP B 268 -5.65 -11.89 28.90
N ASP B 269 -5.60 -12.34 27.65
CA ASP B 269 -4.44 -13.09 27.16
C ASP B 269 -3.15 -12.26 27.01
N PHE B 270 -3.22 -10.94 27.17
CA PHE B 270 -2.06 -10.06 26.92
C PHE B 270 -1.53 -9.32 28.16
N ARG B 271 -0.25 -9.53 28.45
CA ARG B 271 0.37 -8.78 29.54
C ARG B 271 1.46 -7.85 29.03
N LEU B 272 1.23 -6.56 29.25
CA LEU B 272 2.18 -5.53 28.87
C LEU B 272 3.17 -5.32 30.02
N VAL B 273 4.44 -5.61 29.78
CA VAL B 273 5.42 -5.58 30.84
C VAL B 273 6.27 -4.32 30.85
N ASP B 274 6.20 -3.56 31.94
CA ASP B 274 7.04 -2.39 32.17
C ASP B 274 6.88 -1.29 31.13
N TYR B 275 5.64 -0.86 30.94
CA TYR B 275 5.34 0.29 30.12
C TYR B 275 5.31 1.52 31.00
N CYS B 276 6.30 2.38 30.86
CA CYS B 276 6.43 3.57 31.70
C CYS B 276 6.46 4.84 30.86
N PRO B 277 5.32 5.22 30.28
CA PRO B 277 5.35 6.41 29.42
C PRO B 277 5.45 7.70 30.21
N HIS B 278 5.98 8.73 29.56
CA HIS B 278 5.78 10.10 30.03
C HIS B 278 4.27 10.36 30.08
N PRO B 279 3.84 11.35 30.88
CA PRO B 279 2.41 11.70 30.97
C PRO B 279 1.75 11.99 29.61
N THR B 280 0.48 11.62 29.46
CA THR B 280 -0.31 12.03 28.30
C THR B 280 -0.31 13.55 28.16
N ILE B 281 -0.37 14.03 26.91
CA ILE B 281 -0.40 15.48 26.68
C ILE B 281 -1.74 15.93 26.12
N ARG B 282 -2.25 17.03 26.64
CA ARG B 282 -3.51 17.59 26.20
C ARG B 282 -3.43 18.22 24.81
N MET B 283 -3.90 17.49 23.80
CA MET B 283 -4.03 18.07 22.45
C MET B 283 -5.49 18.12 22.02
#